data_7TZT
#
_entry.id   7TZT
#
_cell.length_a   61.018
_cell.length_b   61.018
_cell.length_c   102.855
_cell.angle_alpha   90.000
_cell.angle_beta   90.000
_cell.angle_gamma   120.000
#
_symmetry.space_group_name_H-M   'P 32 1 2'
#
loop_
_entity.id
_entity.type
_entity.pdbx_description
1 polymer 'RNA (79-MER)'
2 non-polymer 'MANGANESE (II) ION'
3 non-polymer 'MAGNESIUM ION'
4 non-polymer 6-methylquinoxaline
#
_entity_poly.entity_id   1
_entity_poly.type   'polyribonucleotide'
_entity_poly.pdbx_seq_one_letter_code
;GCGACUCGGGGUGCCCUUCUGCGUGAAGGCUGAGAAAUACCCGUAUCACCUGAUCUGGAUAAUGCCAGCGUAGGGAAGUC
GCA
;
_entity_poly.pdbx_strand_id   A
#